data_7Y05
#
_entry.id   7Y05
#
_cell.length_a   67.448
_cell.length_b   67.448
_cell.length_c   140.959
_cell.angle_alpha   90.000
_cell.angle_beta   90.000
_cell.angle_gamma   90.000
#
_symmetry.space_group_name_H-M   'P 41 21 2'
#
loop_
_entity.id
_entity.type
_entity.pdbx_description
1 polymer 'Ricin A chain'
2 non-polymer '(2R)-2-[(2-azanyl-4-oxidanylidene-3H-pteridin-7-yl)carbonylamino]-2-phenyl-ethanoic acid'
3 non-polymer 'SULFATE ION'
4 water water
#
_entity_poly.entity_id   1
_entity_poly.type   'polypeptide(L)'
_entity_poly.pdbx_seq_one_letter_code
;MHHHHHHIFPKQYPIINFTTAGATVQSYTNFIRAVRGRLTTGADVRHEIPVLPNRVGLPINQRFILVELSNHAELSVTLA
LDVTNAYVVGYRAGNSAYFFHPDNQEDAEAITHLFTDVQNRYTFAFGGNYDRLEQLAGNLRENIELGNGPLEEAISALYY
YSTGGTQLPTLARSFIICIQMISEAARFQYIEGEMRTRIRYNRRSAPDPSVITLENSWGRLSTAIQESNQGAFASPIQLQ
RRNGSKFSVYDVSILIPIIALMVYRCAPPPSSQF
;
_entity_poly.pdbx_strand_id   A
#
loop_
_chem_comp.id
_chem_comp.type
_chem_comp.name
_chem_comp.formula
IFH non-polymer '(2R)-2-[(2-azanyl-4-oxidanylidene-3H-pteridin-7-yl)carbonylamino]-2-phenyl-ethanoic acid' 'C15 H12 N6 O4'
SO4 non-polymer 'SULFATE ION' 'O4 S -2'
#
# COMPACT_ATOMS: atom_id res chain seq x y z
N GLN A 12 -21.75 -4.73 -0.34
CA GLN A 12 -20.50 -5.49 -0.69
C GLN A 12 -19.38 -4.52 -1.07
N TYR A 13 -18.16 -4.83 -0.62
CA TYR A 13 -17.00 -3.97 -0.89
C TYR A 13 -16.55 -4.01 -2.34
N PRO A 14 -16.13 -2.85 -2.90
CA PRO A 14 -15.64 -2.78 -4.29
C PRO A 14 -14.45 -3.71 -4.52
N ILE A 15 -14.43 -4.36 -5.68
CA ILE A 15 -13.34 -5.26 -6.07
C ILE A 15 -12.62 -4.69 -7.29
N ILE A 16 -11.29 -4.66 -7.21
CA ILE A 16 -10.43 -4.29 -8.33
C ILE A 16 -9.56 -5.50 -8.65
N ASN A 17 -9.53 -5.88 -9.94
CA ASN A 17 -8.74 -7.01 -10.40
C ASN A 17 -7.45 -6.58 -11.08
N PHE A 18 -6.36 -7.28 -10.76
CA PHE A 18 -5.10 -7.16 -11.50
C PHE A 18 -4.48 -8.53 -11.65
N THR A 19 -3.85 -8.76 -12.79
CA THR A 19 -3.06 -9.96 -12.99
C THR A 19 -1.63 -9.65 -13.42
N THR A 20 -0.68 -10.39 -12.88
CA THR A 20 0.73 -10.31 -13.31
C THR A 20 0.93 -11.04 -14.64
N ALA A 21 -0.03 -11.89 -15.02
CA ALA A 21 0.00 -12.64 -16.28
C ALA A 21 -0.11 -11.66 -17.44
N GLY A 22 0.99 -11.55 -18.20
CA GLY A 22 1.08 -10.63 -19.33
C GLY A 22 0.93 -9.16 -18.96
N ALA A 23 1.27 -8.82 -17.72
CA ALA A 23 1.16 -7.44 -17.25
C ALA A 23 2.03 -6.51 -18.09
N THR A 24 1.49 -5.32 -18.35
CA THR A 24 2.20 -4.27 -19.09
C THR A 24 2.16 -3.00 -18.27
N VAL A 25 2.95 -2.00 -18.70
CA VAL A 25 2.89 -0.66 -18.10
C VAL A 25 1.44 -0.16 -18.08
N GLN A 26 0.73 -0.30 -19.20
CA GLN A 26 -0.65 0.17 -19.31
C GLN A 26 -1.62 -0.55 -18.36
N SER A 27 -1.54 -1.88 -18.31
CA SER A 27 -2.44 -2.65 -17.44
C SER A 27 -2.18 -2.34 -15.97
N TYR A 28 -0.91 -2.17 -15.61
CA TYR A 28 -0.56 -1.78 -14.25
C TYR A 28 -1.04 -0.36 -13.91
N THR A 29 -0.86 0.56 -14.86
CA THR A 29 -1.33 1.95 -14.73
C THR A 29 -2.85 2.00 -14.50
N ASN A 30 -3.58 1.24 -15.32
CA ASN A 30 -5.04 1.13 -15.18
C ASN A 30 -5.43 0.65 -13.79
N PHE A 31 -4.69 -0.34 -13.30
CA PHE A 31 -4.92 -0.94 -12.00
C PHE A 31 -4.73 0.07 -10.87
N ILE A 32 -3.58 0.74 -10.86
CA ILE A 32 -3.31 1.73 -9.80
C ILE A 32 -4.31 2.88 -9.83
N ARG A 33 -4.66 3.34 -11.04
CA ARG A 33 -5.70 4.37 -11.19
C ARG A 33 -7.05 3.93 -10.61
N ALA A 34 -7.43 2.67 -10.87
CA ALA A 34 -8.65 2.09 -10.32
C ALA A 34 -8.62 2.02 -8.78
N VAL A 35 -7.48 1.59 -8.22
CA VAL A 35 -7.30 1.54 -6.77
C VAL A 35 -7.50 2.92 -6.14
N ARG A 36 -6.83 3.93 -6.69
CA ARG A 36 -6.98 5.32 -6.22
C ARG A 36 -8.43 5.79 -6.27
N GLY A 37 -9.11 5.46 -7.37
CA GLY A 37 -10.53 5.83 -7.57
C GLY A 37 -11.47 5.21 -6.55
N ARG A 38 -11.15 4.01 -6.08
CA ARG A 38 -11.97 3.33 -5.07
C ARG A 38 -11.57 3.69 -3.64
N LEU A 39 -10.33 4.15 -3.45
CA LEU A 39 -9.86 4.55 -2.12
C LEU A 39 -10.49 5.84 -1.62
N THR A 40 -10.72 6.77 -2.54
CA THR A 40 -11.27 8.08 -2.17
C THR A 40 -12.12 8.69 -3.28
N THR A 41 -12.98 9.62 -2.88
CA THR A 41 -13.85 10.33 -3.82
C THR A 41 -13.07 11.36 -4.63
N GLY A 42 -11.98 11.88 -4.05
CA GLY A 42 -11.22 12.96 -4.64
C GLY A 42 -11.87 14.32 -4.39
N ALA A 43 -12.91 14.35 -3.56
CA ALA A 43 -13.59 15.60 -3.17
C ALA A 43 -12.76 16.45 -2.21
N ASP A 44 -11.81 15.81 -1.53
CA ASP A 44 -10.88 16.49 -0.63
C ASP A 44 -9.53 16.55 -1.33
N VAL A 45 -9.21 17.71 -1.89
CA VAL A 45 -7.95 17.95 -2.59
C VAL A 45 -7.29 19.17 -1.98
N ARG A 46 -6.04 19.03 -1.59
CA ARG A 46 -5.29 20.12 -1.00
C ARG A 46 -3.97 20.30 -1.70
N HIS A 47 -3.77 21.52 -2.23
CA HIS A 47 -2.63 21.86 -3.08
C HIS A 47 -2.43 20.81 -4.19
N GLU A 48 -3.53 20.48 -4.88
CA GLU A 48 -3.58 19.52 -6.00
C GLU A 48 -3.33 18.04 -5.61
N ILE A 49 -3.29 17.76 -4.31
CA ILE A 49 -3.09 16.39 -3.81
C ILE A 49 -4.36 15.88 -3.11
N PRO A 50 -4.98 14.81 -3.65
CA PRO A 50 -6.16 14.19 -3.02
C PRO A 50 -5.89 13.60 -1.64
N VAL A 51 -6.91 13.63 -0.79
CA VAL A 51 -6.84 13.12 0.58
C VAL A 51 -7.79 11.93 0.71
N LEU A 52 -7.34 10.91 1.44
CA LEU A 52 -8.15 9.75 1.78
C LEU A 52 -9.27 10.13 2.76
N PRO A 53 -10.38 9.36 2.81
CA PRO A 53 -11.46 9.74 3.72
C PRO A 53 -11.03 9.73 5.19
N ASN A 54 -11.55 10.69 5.94
CA ASN A 54 -11.44 10.73 7.39
C ASN A 54 -12.00 9.45 8.02
N ARG A 55 -11.19 8.82 8.87
CA ARG A 55 -11.61 7.64 9.64
C ARG A 55 -12.79 7.96 10.58
N VAL A 56 -12.81 9.18 11.13
CA VAL A 56 -13.83 9.60 12.10
C VAL A 56 -15.18 9.70 11.41
N GLY A 57 -16.11 8.86 11.86
CA GLY A 57 -17.48 8.82 11.34
C GLY A 57 -17.67 8.02 10.06
N LEU A 58 -16.61 7.39 9.55
CA LEU A 58 -16.70 6.62 8.32
C LEU A 58 -17.47 5.32 8.56
N PRO A 59 -18.61 5.12 7.87
CA PRO A 59 -19.42 3.91 8.08
C PRO A 59 -18.66 2.67 7.64
N ILE A 60 -18.90 1.57 8.35
CA ILE A 60 -18.22 0.29 8.06
C ILE A 60 -18.46 -0.22 6.63
N ASN A 61 -19.64 0.08 6.08
CA ASN A 61 -19.96 -0.31 4.70
C ASN A 61 -19.13 0.40 3.62
N GLN A 62 -18.35 1.41 4.03
CA GLN A 62 -17.48 2.15 3.12
C GLN A 62 -15.99 2.04 3.49
N ARG A 63 -15.68 1.14 4.43
CA ARG A 63 -14.35 1.12 5.07
C ARG A 63 -13.24 0.42 4.24
N PHE A 64 -13.63 -0.54 3.41
CA PHE A 64 -12.65 -1.38 2.72
C PHE A 64 -12.85 -1.47 1.21
N ILE A 65 -11.76 -1.76 0.52
CA ILE A 65 -11.78 -2.19 -0.87
C ILE A 65 -11.03 -3.52 -1.00
N LEU A 66 -11.37 -4.28 -2.02
CA LEU A 66 -10.75 -5.59 -2.23
C LEU A 66 -9.96 -5.56 -3.53
N VAL A 67 -8.74 -6.07 -3.46
CA VAL A 67 -7.84 -6.16 -4.61
C VAL A 67 -7.62 -7.65 -4.88
N GLU A 68 -8.21 -8.15 -5.95
CA GLU A 68 -8.04 -9.55 -6.33
C GLU A 68 -6.86 -9.65 -7.29
N LEU A 69 -5.83 -10.36 -6.85
CA LEU A 69 -4.60 -10.53 -7.62
C LEU A 69 -4.58 -11.92 -8.20
N SER A 70 -4.40 -11.99 -9.52
CA SER A 70 -4.20 -13.25 -10.21
C SER A 70 -2.79 -13.32 -10.78
N ASN A 71 -2.33 -14.53 -11.09
CA ASN A 71 -1.02 -14.68 -11.70
C ASN A 71 -0.99 -15.69 -12.86
N HIS A 72 0.15 -15.78 -13.54
CA HIS A 72 0.31 -16.72 -14.66
C HIS A 72 0.16 -18.18 -14.22
N ALA A 73 0.54 -18.47 -12.97
CA ALA A 73 0.34 -19.79 -12.34
C ALA A 73 -1.15 -20.18 -12.13
N GLU A 74 -2.06 -19.29 -12.57
CA GLU A 74 -3.53 -19.45 -12.44
C GLU A 74 -4.02 -19.54 -10.99
N LEU A 75 -3.34 -18.80 -10.11
CA LEU A 75 -3.72 -18.68 -8.71
C LEU A 75 -4.24 -17.28 -8.45
N SER A 76 -5.15 -17.14 -7.49
CA SER A 76 -5.68 -15.85 -7.09
C SER A 76 -5.68 -15.68 -5.58
N VAL A 77 -5.39 -14.46 -5.14
CA VAL A 77 -5.55 -14.05 -3.74
C VAL A 77 -6.27 -12.71 -3.71
N THR A 78 -6.98 -12.43 -2.62
CA THR A 78 -7.68 -11.15 -2.48
C THR A 78 -7.13 -10.41 -1.27
N LEU A 79 -6.56 -9.24 -1.51
CA LEU A 79 -6.12 -8.36 -0.43
C LEU A 79 -7.24 -7.42 -0.04
N ALA A 80 -7.36 -7.15 1.25
CA ALA A 80 -8.29 -6.15 1.76
C ALA A 80 -7.50 -4.89 2.14
N LEU A 81 -7.94 -3.75 1.63
CA LEU A 81 -7.32 -2.46 1.93
C LEU A 81 -8.25 -1.53 2.69
N ASP A 82 -7.71 -0.92 3.73
CA ASP A 82 -8.42 0.09 4.51
C ASP A 82 -8.37 1.40 3.72
N VAL A 83 -9.54 1.97 3.42
CA VAL A 83 -9.61 3.20 2.60
C VAL A 83 -9.03 4.44 3.28
N THR A 84 -8.92 4.42 4.60
CA THR A 84 -8.43 5.59 5.35
C THR A 84 -6.92 5.76 5.22
N ASN A 85 -6.21 4.67 4.90
CA ASN A 85 -4.75 4.74 4.84
C ASN A 85 -4.09 3.87 3.77
N ALA A 86 -4.93 3.20 2.97
CA ALA A 86 -4.51 2.22 1.95
C ALA A 86 -3.73 1.01 2.50
N TYR A 87 -3.78 0.79 3.81
CA TYR A 87 -3.10 -0.36 4.44
C TYR A 87 -3.74 -1.68 4.04
N VAL A 88 -2.90 -2.66 3.73
CA VAL A 88 -3.32 -4.03 3.54
C VAL A 88 -3.56 -4.59 4.95
N VAL A 89 -4.81 -4.94 5.24
CA VAL A 89 -5.18 -5.39 6.58
C VAL A 89 -5.25 -6.92 6.68
N GLY A 90 -5.29 -7.57 5.53
CA GLY A 90 -5.34 -9.03 5.47
C GLY A 90 -5.58 -9.53 4.06
N TYR A 91 -5.69 -10.84 3.94
CA TYR A 91 -5.92 -11.46 2.63
C TYR A 91 -6.73 -12.75 2.72
N ARG A 92 -7.37 -13.10 1.59
CA ARG A 92 -8.05 -14.38 1.42
C ARG A 92 -7.38 -15.16 0.28
N ALA A 93 -7.15 -16.44 0.53
CA ALA A 93 -6.78 -17.40 -0.51
C ALA A 93 -7.67 -18.63 -0.29
N GLY A 94 -8.55 -18.91 -1.25
CA GLY A 94 -9.48 -20.03 -1.14
C GLY A 94 -10.38 -19.90 0.08
N ASN A 95 -10.42 -20.94 0.91
CA ASN A 95 -11.26 -20.91 2.11
C ASN A 95 -10.57 -20.55 3.43
N SER A 96 -9.48 -19.80 3.34
CA SER A 96 -8.80 -19.25 4.51
C SER A 96 -8.49 -17.77 4.32
N ALA A 97 -8.69 -17.01 5.40
CA ALA A 97 -8.32 -15.60 5.45
C ALA A 97 -7.47 -15.31 6.68
N TYR A 98 -6.52 -14.39 6.50
CA TYR A 98 -5.57 -14.02 7.54
C TYR A 98 -5.52 -12.52 7.65
N PHE A 99 -5.56 -12.02 8.88
CA PHE A 99 -5.50 -10.59 9.15
C PHE A 99 -4.32 -10.25 10.03
N PHE A 100 -3.67 -9.12 9.76
CA PHE A 100 -2.63 -8.62 10.64
C PHE A 100 -3.24 -8.26 11.99
N HIS A 101 -2.43 -8.40 13.05
CA HIS A 101 -2.86 -8.05 14.40
C HIS A 101 -3.36 -6.59 14.43
N PRO A 102 -4.64 -6.39 14.84
CA PRO A 102 -5.18 -5.03 14.87
C PRO A 102 -4.54 -4.15 15.95
N ASP A 103 -4.42 -2.87 15.64
CA ASP A 103 -3.77 -1.89 16.51
C ASP A 103 -4.69 -1.40 17.64
N ASN A 104 -6.00 -1.49 17.41
CA ASN A 104 -7.02 -1.01 18.36
C ASN A 104 -8.34 -1.79 18.20
N GLN A 105 -9.28 -1.52 19.12
CA GLN A 105 -10.58 -2.20 19.14
C GLN A 105 -11.46 -1.88 17.92
N GLU A 106 -11.39 -0.64 17.44
CA GLU A 106 -12.12 -0.23 16.23
C GLU A 106 -11.68 -1.04 15.00
N ASP A 107 -10.37 -1.19 14.83
CA ASP A 107 -9.82 -1.98 13.71
C ASP A 107 -10.14 -3.47 13.84
N ALA A 108 -10.12 -3.96 15.08
CA ALA A 108 -10.48 -5.34 15.40
C ALA A 108 -11.94 -5.64 15.03
N GLU A 109 -12.85 -4.72 15.36
CA GLU A 109 -14.25 -4.84 14.99
C GLU A 109 -14.42 -4.75 13.47
N ALA A 110 -13.71 -3.80 12.86
CA ALA A 110 -13.80 -3.55 11.42
C ALA A 110 -13.51 -4.79 10.57
N ILE A 111 -12.45 -5.52 10.94
CA ILE A 111 -12.04 -6.70 10.16
C ILE A 111 -13.00 -7.91 10.27
N THR A 112 -13.89 -7.89 11.26
CA THR A 112 -14.98 -8.89 11.34
C THR A 112 -16.00 -8.76 10.18
N HIS A 113 -15.94 -7.64 9.46
CA HIS A 113 -16.82 -7.39 8.31
C HIS A 113 -16.19 -7.81 6.97
N LEU A 114 -14.96 -8.33 7.02
CA LEU A 114 -14.25 -8.80 5.82
C LEU A 114 -14.27 -10.32 5.68
N PHE A 115 -14.42 -10.77 4.43
CA PHE A 115 -14.36 -12.20 4.06
C PHE A 115 -15.27 -13.06 4.94
N THR A 116 -16.51 -12.62 5.12
CA THR A 116 -17.45 -13.25 6.06
C THR A 116 -17.94 -14.63 5.60
N ASP A 117 -17.85 -14.88 4.30
CA ASP A 117 -18.25 -16.16 3.68
C ASP A 117 -17.16 -17.25 3.76
N VAL A 118 -15.96 -16.85 4.16
CA VAL A 118 -14.82 -17.77 4.19
C VAL A 118 -14.86 -18.68 5.43
N GLN A 119 -14.46 -19.94 5.25
CA GLN A 119 -14.59 -20.98 6.29
C GLN A 119 -13.65 -20.77 7.47
N ASN A 120 -12.39 -20.44 7.18
CA ASN A 120 -11.34 -20.36 8.20
C ASN A 120 -10.75 -18.95 8.26
N ARG A 121 -10.93 -18.30 9.40
CA ARG A 121 -10.50 -16.91 9.59
C ARG A 121 -9.53 -16.82 10.75
N TYR A 122 -8.38 -16.19 10.50
CA TYR A 122 -7.28 -16.11 11.47
C TYR A 122 -6.78 -14.69 11.65
N THR A 123 -6.35 -14.39 12.86
CA THR A 123 -5.60 -13.17 13.13
C THR A 123 -4.16 -13.56 13.41
N PHE A 124 -3.24 -13.04 12.60
CA PHE A 124 -1.81 -13.10 12.90
C PHE A 124 -1.54 -12.43 14.24
N ALA A 125 -0.60 -13.00 15.00
CA ALA A 125 -0.18 -12.42 16.25
C ALA A 125 0.75 -11.22 16.07
N PHE A 126 1.19 -10.99 14.83
CA PHE A 126 2.06 -9.87 14.47
C PHE A 126 1.31 -8.84 13.62
N GLY A 127 1.74 -7.58 13.76
CA GLY A 127 1.21 -6.48 12.94
C GLY A 127 1.81 -6.47 11.55
N GLY A 128 1.24 -5.65 10.69
CA GLY A 128 1.63 -5.60 9.27
C GLY A 128 2.57 -4.49 8.86
N ASN A 129 3.17 -3.79 9.82
CA ASN A 129 4.13 -2.71 9.54
CA ASN A 129 4.13 -2.72 9.56
C ASN A 129 5.44 -3.25 8.98
N TYR A 130 6.17 -2.41 8.25
CA TYR A 130 7.45 -2.81 7.64
C TYR A 130 8.48 -3.32 8.65
N ASP A 131 8.61 -2.59 9.77
CA ASP A 131 9.55 -2.97 10.86
C ASP A 131 9.40 -4.45 11.25
N ARG A 132 8.16 -4.84 11.50
CA ARG A 132 7.81 -6.22 11.85
C ARG A 132 8.02 -7.18 10.69
N LEU A 133 7.52 -6.82 9.51
CA LEU A 133 7.62 -7.68 8.33
C LEU A 133 9.06 -7.94 7.89
N GLU A 134 9.92 -6.92 7.99
CA GLU A 134 11.35 -7.03 7.68
C GLU A 134 12.07 -7.98 8.65
N GLN A 135 11.76 -7.85 9.94
CA GLN A 135 12.27 -8.75 10.97
C GLN A 135 11.90 -10.20 10.68
N LEU A 136 10.64 -10.43 10.31
CA LEU A 136 10.13 -11.76 9.97
C LEU A 136 10.70 -12.32 8.67
N ALA A 137 10.84 -11.45 7.66
CA ALA A 137 11.44 -11.83 6.37
C ALA A 137 12.93 -12.16 6.45
N GLY A 138 13.61 -11.55 7.43
CA GLY A 138 15.07 -11.63 7.53
C GLY A 138 15.79 -10.74 6.52
N ASN A 139 15.02 -9.82 5.91
CA ASN A 139 15.57 -8.86 4.95
C ASN A 139 14.90 -7.50 5.07
N LEU A 140 15.69 -6.46 4.92
CA LEU A 140 15.18 -5.09 4.81
C LEU A 140 14.59 -4.86 3.43
N ARG A 141 13.69 -3.88 3.32
CA ARG A 141 13.13 -3.48 2.02
C ARG A 141 14.21 -3.20 0.96
N GLU A 142 15.33 -2.60 1.38
CA GLU A 142 16.46 -2.29 0.48
C GLU A 142 17.07 -3.52 -0.21
N ASN A 143 16.76 -4.72 0.29
CA ASN A 143 17.28 -5.98 -0.27
C ASN A 143 16.21 -6.92 -0.82
N ILE A 144 14.96 -6.44 -0.87
CA ILE A 144 13.85 -7.24 -1.39
C ILE A 144 13.48 -6.71 -2.78
N GLU A 145 13.65 -7.57 -3.79
CA GLU A 145 13.41 -7.20 -5.18
C GLU A 145 11.92 -7.01 -5.48
N LEU A 146 11.61 -5.96 -6.22
CA LEU A 146 10.25 -5.63 -6.66
C LEU A 146 10.16 -5.71 -8.18
N GLY A 147 8.95 -5.92 -8.67
CA GLY A 147 8.70 -6.03 -10.11
C GLY A 147 7.60 -7.03 -10.38
N ASN A 148 7.31 -7.25 -11.65
CA ASN A 148 6.25 -8.18 -12.02
C ASN A 148 6.52 -9.63 -11.61
N GLY A 149 7.78 -10.06 -11.78
CA GLY A 149 8.23 -11.38 -11.35
C GLY A 149 8.05 -11.60 -9.84
N PRO A 150 8.64 -10.70 -9.01
CA PRO A 150 8.41 -10.76 -7.56
C PRO A 150 6.93 -10.79 -7.16
N LEU A 151 6.08 -10.03 -7.84
CA LEU A 151 4.64 -10.01 -7.54
C LEU A 151 3.96 -11.33 -7.92
N GLU A 152 4.28 -11.85 -9.12
CA GLU A 152 3.82 -13.16 -9.58
C GLU A 152 4.11 -14.22 -8.52
N GLU A 153 5.33 -14.22 -8.02
CA GLU A 153 5.81 -15.17 -7.01
C GLU A 153 5.17 -14.92 -5.63
N ALA A 154 4.97 -13.64 -5.29
CA ALA A 154 4.31 -13.26 -4.02
C ALA A 154 2.88 -13.79 -3.95
N ILE A 155 2.17 -13.75 -5.08
CA ILE A 155 0.79 -14.23 -5.18
C ILE A 155 0.74 -15.75 -4.89
N SER A 156 1.70 -16.48 -5.48
CA SER A 156 1.83 -17.92 -5.21
C SER A 156 2.14 -18.23 -3.74
N ALA A 157 3.06 -17.47 -3.16
CA ALA A 157 3.47 -17.64 -1.76
C ALA A 157 2.32 -17.40 -0.79
N LEU A 158 1.53 -16.35 -1.05
CA LEU A 158 0.31 -16.08 -0.28
C LEU A 158 -0.73 -17.18 -0.45
N TYR A 159 -0.89 -17.67 -1.68
CA TYR A 159 -1.85 -18.73 -1.99
C TYR A 159 -1.57 -20.01 -1.18
N TYR A 160 -0.30 -20.41 -1.12
CA TYR A 160 0.08 -21.70 -0.52
C TYR A 160 0.35 -21.70 0.99
N TYR A 161 0.19 -20.55 1.64
CA TYR A 161 0.50 -20.44 3.08
C TYR A 161 -0.34 -21.35 3.98
N SER A 162 -1.64 -21.41 3.72
CA SER A 162 -2.56 -22.17 4.58
C SER A 162 -2.34 -23.67 4.56
N THR A 163 -1.74 -24.17 3.48
CA THR A 163 -1.49 -25.60 3.30
C THR A 163 -0.04 -26.02 3.59
N GLY A 164 0.74 -25.09 4.14
CA GLY A 164 2.10 -25.38 4.56
C GLY A 164 3.18 -25.29 3.48
N GLY A 165 2.84 -24.64 2.37
CA GLY A 165 3.77 -24.48 1.25
C GLY A 165 4.67 -23.27 1.31
N THR A 166 4.46 -22.39 2.31
CA THR A 166 5.20 -21.14 2.42
C THR A 166 5.74 -20.93 3.83
N GLN A 167 7.05 -20.80 3.95
CA GLN A 167 7.69 -20.44 5.21
C GLN A 167 7.37 -18.99 5.55
N LEU A 168 7.29 -18.69 6.85
CA LEU A 168 6.97 -17.33 7.30
C LEU A 168 7.86 -16.21 6.73
N PRO A 169 9.21 -16.42 6.65
CA PRO A 169 10.01 -15.35 6.02
C PRO A 169 9.63 -15.03 4.57
N THR A 170 9.25 -16.05 3.81
CA THR A 170 8.78 -15.90 2.42
C THR A 170 7.44 -15.17 2.39
N LEU A 171 6.57 -15.50 3.35
CA LEU A 171 5.26 -14.84 3.46
C LEU A 171 5.43 -13.35 3.77
N ALA A 172 6.31 -13.06 4.73
CA ALA A 172 6.62 -11.67 5.13
C ALA A 172 7.17 -10.88 3.94
N ARG A 173 8.12 -11.47 3.22
CA ARG A 173 8.71 -10.88 2.00
C ARG A 173 7.63 -10.60 0.96
N SER A 174 6.72 -11.56 0.79
CA SER A 174 5.63 -11.48 -0.18
C SER A 174 4.66 -10.33 0.15
N PHE A 175 4.35 -10.17 1.44
CA PHE A 175 3.57 -9.01 1.89
C PHE A 175 4.27 -7.70 1.55
N ILE A 176 5.58 -7.63 1.84
CA ILE A 176 6.40 -6.45 1.56
C ILE A 176 6.33 -6.07 0.09
N ILE A 177 6.40 -7.08 -0.78
CA ILE A 177 6.25 -6.89 -2.24
C ILE A 177 4.87 -6.30 -2.59
N CYS A 178 3.81 -6.98 -2.14
CA CYS A 178 2.43 -6.56 -2.42
C CYS A 178 2.14 -5.16 -1.93
N ILE A 179 2.54 -4.87 -0.69
CA ILE A 179 2.30 -3.56 -0.07
C ILE A 179 2.93 -2.43 -0.89
N GLN A 180 4.18 -2.62 -1.30
CA GLN A 180 4.86 -1.58 -2.06
C GLN A 180 4.31 -1.40 -3.47
N MET A 181 3.97 -2.51 -4.12
CA MET A 181 3.52 -2.46 -5.52
C MET A 181 2.05 -2.04 -5.67
N ILE A 182 1.31 -2.10 -4.56
CA ILE A 182 -0.11 -1.73 -4.58
C ILE A 182 -0.33 -0.48 -3.74
N SER A 183 -0.16 -0.59 -2.42
CA SER A 183 -0.45 0.53 -1.51
C SER A 183 0.48 1.72 -1.70
N GLU A 184 1.80 1.48 -1.76
CA GLU A 184 2.75 2.58 -1.92
C GLU A 184 2.64 3.23 -3.30
N ALA A 185 2.40 2.41 -4.31
CA ALA A 185 2.19 2.92 -5.67
C ALA A 185 0.92 3.77 -5.74
N ALA A 186 -0.12 3.38 -5.01
CA ALA A 186 -1.35 4.18 -4.94
C ALA A 186 -1.09 5.53 -4.27
N ARG A 187 -0.29 5.51 -3.20
CA ARG A 187 0.01 6.71 -2.42
C ARG A 187 0.93 7.68 -3.15
N PHE A 188 1.87 7.14 -3.93
CA PHE A 188 2.91 7.97 -4.54
C PHE A 188 2.99 7.76 -6.03
N GLN A 189 2.70 8.79 -6.82
CA GLN A 189 2.94 8.70 -8.29
C GLN A 189 4.37 8.29 -8.57
N TYR A 190 5.31 8.77 -7.74
CA TYR A 190 6.71 8.45 -7.91
C TYR A 190 6.99 6.95 -7.81
N ILE A 191 6.37 6.29 -6.83
CA ILE A 191 6.56 4.86 -6.62
C ILE A 191 5.84 4.07 -7.71
N GLU A 192 4.67 4.54 -8.12
CA GLU A 192 3.98 3.99 -9.29
C GLU A 192 4.91 4.02 -10.52
N GLY A 193 5.58 5.15 -10.73
CA GLY A 193 6.56 5.31 -11.82
C GLY A 193 7.71 4.32 -11.72
N GLU A 194 8.22 4.13 -10.50
CA GLU A 194 9.29 3.17 -10.25
C GLU A 194 8.88 1.73 -10.58
N MET A 195 7.63 1.40 -10.27
CA MET A 195 7.09 0.08 -10.60
C MET A 195 6.81 -0.07 -12.09
N ARG A 196 6.31 1.00 -12.73
CA ARG A 196 6.11 1.02 -14.19
C ARG A 196 7.41 0.72 -14.92
N THR A 197 8.51 1.34 -14.46
CA THR A 197 9.85 1.13 -15.03
C THR A 197 10.27 -0.34 -14.94
N ARG A 198 10.11 -0.93 -13.76
CA ARG A 198 10.42 -2.34 -13.55
C ARG A 198 9.62 -3.24 -14.48
N ILE A 199 8.33 -2.95 -14.62
CA ILE A 199 7.44 -3.73 -15.49
C ILE A 199 7.84 -3.57 -16.97
N ARG A 200 8.12 -2.33 -17.37
CA ARG A 200 8.49 -2.02 -18.76
C ARG A 200 9.67 -2.85 -19.26
N TYR A 201 10.68 -3.02 -18.42
CA TYR A 201 11.90 -3.73 -18.81
C TYR A 201 11.96 -5.17 -18.27
N ASN A 202 10.89 -5.57 -17.59
CA ASN A 202 10.80 -6.86 -16.87
C ASN A 202 12.06 -7.17 -16.05
N ARG A 203 12.51 -6.16 -15.32
CA ARG A 203 13.74 -6.26 -14.54
C ARG A 203 13.42 -6.00 -13.08
N ARG A 204 13.59 -7.05 -12.27
CA ARG A 204 13.38 -6.95 -10.84
C ARG A 204 14.56 -6.27 -10.13
N SER A 205 14.23 -5.40 -9.20
CA SER A 205 15.22 -4.67 -8.42
C SER A 205 14.62 -4.20 -7.12
N ALA A 206 15.45 -4.20 -6.08
CA ALA A 206 15.12 -3.62 -4.78
C ALA A 206 14.91 -2.12 -4.90
N PRO A 207 14.02 -1.55 -4.06
CA PRO A 207 13.81 -0.09 -4.08
C PRO A 207 15.02 0.67 -3.57
N ASP A 208 15.35 1.77 -4.23
CA ASP A 208 16.46 2.63 -3.81
C ASP A 208 16.04 3.59 -2.68
N PRO A 209 16.98 4.37 -2.11
CA PRO A 209 16.63 5.26 -1.00
C PRO A 209 15.51 6.28 -1.26
N SER A 210 15.35 6.71 -2.51
CA SER A 210 14.29 7.66 -2.86
C SER A 210 12.90 7.06 -2.62
N VAL A 211 12.77 5.76 -2.89
CA VAL A 211 11.51 5.03 -2.65
C VAL A 211 11.32 4.78 -1.16
N ILE A 212 12.36 4.24 -0.50
CA ILE A 212 12.29 3.88 0.93
C ILE A 212 11.95 5.08 1.81
N THR A 213 12.63 6.22 1.56
CA THR A 213 12.43 7.42 2.39
C THR A 213 11.04 8.01 2.20
N LEU A 214 10.50 7.95 0.97
CA LEU A 214 9.12 8.36 0.74
C LEU A 214 8.13 7.50 1.52
N GLU A 215 8.29 6.18 1.45
CA GLU A 215 7.45 5.24 2.20
C GLU A 215 7.47 5.55 3.71
N ASN A 216 8.68 5.77 4.23
CA ASN A 216 8.87 6.06 5.66
C ASN A 216 8.25 7.38 6.10
N SER A 217 8.16 8.32 5.15
CA SER A 217 7.76 9.69 5.45
C SER A 217 6.31 10.00 5.07
N TRP A 218 5.56 9.02 4.58
CA TRP A 218 4.20 9.31 4.07
C TRP A 218 3.30 10.01 5.10
N GLY A 219 3.29 9.48 6.33
CA GLY A 219 2.51 10.09 7.42
C GLY A 219 2.93 11.52 7.73
N ARG A 220 4.24 11.72 7.87
CA ARG A 220 4.82 13.03 8.18
C ARG A 220 4.57 14.04 7.05
N LEU A 221 4.74 13.59 5.80
CA LEU A 221 4.48 14.45 4.64
C LEU A 221 3.01 14.88 4.58
N SER A 222 2.12 13.92 4.82
CA SER A 222 0.68 14.19 4.86
C SER A 222 0.36 15.26 5.91
N THR A 223 0.91 15.09 7.11
CA THR A 223 0.70 16.05 8.18
C THR A 223 1.32 17.42 7.87
N ALA A 224 2.56 17.43 7.37
CA ALA A 224 3.25 18.68 7.05
C ALA A 224 2.49 19.50 6.00
N ILE A 225 1.96 18.82 4.99
CA ILE A 225 1.16 19.47 3.95
C ILE A 225 -0.13 20.06 4.54
N GLN A 226 -0.84 19.25 5.33
CA GLN A 226 -2.14 19.65 5.86
C GLN A 226 -2.07 20.72 6.94
N GLU A 227 -0.96 20.76 7.67
CA GLU A 227 -0.73 21.75 8.72
C GLU A 227 0.10 22.96 8.25
N SER A 228 0.51 22.93 6.98
CA SER A 228 1.35 23.98 6.40
C SER A 228 0.71 25.37 6.42
N ASN A 229 1.55 26.40 6.41
CA ASN A 229 1.11 27.76 6.25
C ASN A 229 1.09 28.09 4.77
N GLN A 230 -0.09 27.96 4.15
CA GLN A 230 -0.30 28.22 2.72
C GLN A 230 0.62 27.38 1.83
N GLY A 231 0.97 26.19 2.30
CA GLY A 231 1.87 25.28 1.59
C GLY A 231 3.28 25.19 2.13
N ALA A 232 3.67 26.16 2.96
CA ALA A 232 5.02 26.23 3.52
C ALA A 232 5.12 25.41 4.81
N PHE A 233 6.11 24.51 4.88
CA PHE A 233 6.32 23.71 6.09
C PHE A 233 6.99 24.52 7.19
N ALA A 234 6.53 24.33 8.43
CA ALA A 234 7.19 24.92 9.60
C ALA A 234 8.56 24.28 9.83
N SER A 235 8.63 22.97 9.63
CA SER A 235 9.85 22.19 9.77
C SER A 235 10.12 21.47 8.45
N PRO A 236 11.35 21.61 7.91
CA PRO A 236 11.69 20.86 6.69
C PRO A 236 11.68 19.35 6.93
N ILE A 237 11.34 18.59 5.90
CA ILE A 237 11.38 17.12 5.95
C ILE A 237 12.53 16.63 5.08
N GLN A 238 13.38 15.79 5.67
CA GLN A 238 14.51 15.24 4.96
C GLN A 238 14.10 13.99 4.19
N LEU A 239 14.36 14.00 2.90
CA LEU A 239 14.22 12.81 2.06
C LEU A 239 15.58 12.44 1.45
N GLN A 240 15.61 11.35 0.71
CA GLN A 240 16.84 10.95 0.03
C GLN A 240 16.67 10.84 -1.48
N ARG A 241 17.75 11.14 -2.19
CA ARG A 241 17.83 10.91 -3.63
C ARG A 241 18.14 9.43 -3.89
N ARG A 242 18.11 9.04 -5.17
CA ARG A 242 18.45 7.67 -5.59
C ARG A 242 19.83 7.21 -5.10
N ASN A 243 20.79 8.13 -5.04
CA ASN A 243 22.15 7.83 -4.56
C ASN A 243 22.32 7.87 -3.03
N GLY A 244 21.22 8.11 -2.31
CA GLY A 244 21.24 8.12 -0.85
C GLY A 244 21.56 9.45 -0.18
N SER A 245 21.93 10.45 -0.98
CA SER A 245 22.20 11.80 -0.46
C SER A 245 20.91 12.45 0.01
N LYS A 246 21.03 13.26 1.06
CA LYS A 246 19.87 13.87 1.71
C LYS A 246 19.56 15.26 1.16
N PHE A 247 18.27 15.55 1.04
CA PHE A 247 17.79 16.88 0.70
C PHE A 247 16.54 17.23 1.52
N SER A 248 16.29 18.53 1.68
CA SER A 248 15.16 19.02 2.46
C SER A 248 13.97 19.41 1.59
N VAL A 249 12.79 19.06 2.05
CA VAL A 249 11.52 19.52 1.47
C VAL A 249 10.95 20.60 2.38
N TYR A 250 10.71 21.79 1.81
CA TYR A 250 10.24 22.97 2.55
C TYR A 250 8.80 23.34 2.24
N ASP A 251 8.25 22.73 1.20
CA ASP A 251 6.99 23.20 0.63
C ASP A 251 6.25 22.06 -0.06
N VAL A 252 4.92 22.16 -0.08
CA VAL A 252 4.08 21.21 -0.80
C VAL A 252 4.38 21.16 -2.31
N SER A 253 4.80 22.30 -2.87
CA SER A 253 4.95 22.47 -4.33
C SER A 253 5.71 21.32 -5.00
N ILE A 254 6.87 20.97 -4.45
CA ILE A 254 7.72 19.94 -5.07
C ILE A 254 7.17 18.52 -4.91
N LEU A 255 6.20 18.35 -4.01
CA LEU A 255 5.58 17.06 -3.73
C LEU A 255 4.34 16.77 -4.58
N ILE A 256 3.79 17.78 -5.23
CA ILE A 256 2.58 17.61 -6.07
C ILE A 256 2.73 16.48 -7.12
N PRO A 257 3.85 16.45 -7.89
CA PRO A 257 4.01 15.32 -8.83
C PRO A 257 4.46 14.00 -8.19
N ILE A 258 4.76 14.02 -6.89
CA ILE A 258 5.34 12.88 -6.17
C ILE A 258 4.27 12.10 -5.39
N ILE A 259 3.42 12.83 -4.67
CA ILE A 259 2.38 12.24 -3.81
C ILE A 259 1.04 12.28 -4.54
N ALA A 260 0.37 11.12 -4.58
CA ALA A 260 -0.95 10.97 -5.18
C ALA A 260 -2.09 10.97 -4.17
N LEU A 261 -1.83 10.48 -2.96
CA LEU A 261 -2.84 10.40 -1.90
C LEU A 261 -2.21 10.69 -0.55
N MET A 262 -2.93 11.45 0.28
CA MET A 262 -2.52 11.68 1.67
C MET A 262 -3.50 11.04 2.65
N VAL A 263 -2.99 10.62 3.81
CA VAL A 263 -3.86 10.22 4.92
C VAL A 263 -4.49 11.50 5.49
N TYR A 264 -5.77 11.43 5.85
CA TYR A 264 -6.47 12.56 6.47
C TYR A 264 -5.93 12.83 7.87
N ARG A 265 -5.52 14.07 8.11
CA ARG A 265 -5.03 14.48 9.42
C ARG A 265 -5.97 15.46 10.12
N CYS A 266 -6.43 16.46 9.37
CA CYS A 266 -7.34 17.48 9.87
C CYS A 266 -8.14 18.06 8.71
N ALA A 267 -9.16 18.87 9.05
CA ALA A 267 -9.93 19.61 8.05
C ALA A 267 -9.03 20.68 7.42
N PRO A 268 -9.27 21.03 6.13
CA PRO A 268 -8.49 22.12 5.55
C PRO A 268 -8.83 23.46 6.23
N PRO A 269 -7.82 24.35 6.41
CA PRO A 269 -8.08 25.69 6.94
C PRO A 269 -8.95 26.50 5.96
N PRO A 270 -9.63 27.57 6.43
CA PRO A 270 -10.48 28.38 5.54
C PRO A 270 -9.76 28.82 4.26
N SER A 271 -10.46 28.72 3.13
CA SER A 271 -9.86 28.91 1.79
C SER A 271 -9.43 30.35 1.49
C7 IFH B . 3.78 0.56 6.34
C6 IFH B . 3.25 1.32 5.28
N1 IFH B . 1.67 -2.31 6.25
C2 IFH B . 0.64 -2.86 5.60
N2 IFH B . 0.19 -4.04 5.99
N3 IFH B . 0.03 -2.18 4.53
C4 IFH B . 0.53 -0.93 4.15
N IFH B . 5.30 2.27 6.87
CAM IFH B . 4.86 1.03 7.13
OAO IFH B . 5.32 0.35 8.05
N8 IFH B . 3.22 -0.63 6.62
C8A IFH B . 2.18 -1.11 5.91
O4 IFH B . 0.01 -0.35 3.20
C4A IFH B . 1.62 -0.38 4.86
N5 IFH B . 2.16 0.82 4.54
S SO4 C . -0.86 -2.76 -23.70
O1 SO4 C . -1.71 -1.69 -24.27
O2 SO4 C . 0.54 -2.33 -23.67
O3 SO4 C . -1.32 -3.06 -22.32
O4 SO4 C . -0.94 -4.00 -24.52
S SO4 D . 3.81 -5.71 16.07
O1 SO4 D . 3.26 -4.79 15.05
O2 SO4 D . 2.99 -5.62 17.30
O3 SO4 D . 3.78 -7.10 15.58
O4 SO4 D . 5.20 -5.30 16.37
#